data_8G49
#
_entry.id   8G49
#
_cell.length_a   46.434
_cell.length_b   46.434
_cell.length_c   218.372
_cell.angle_alpha   90.00
_cell.angle_beta   90.00
_cell.angle_gamma   120.00
#
_symmetry.space_group_name_H-M   'P 32 2 1'
#
loop_
_entity.id
_entity.type
_entity.pdbx_description
1 polymer 'Fluorophosphonate-binding serine hydrolase E'
2 non-polymer 'methyl 2-formyl-2-[3-methyl-4-(3-phenoxybenzamido)phenyl]hydrazine-1-carboxylate'
3 water water
#
_entity_poly.entity_id   1
_entity_poly.type   'polypeptide(L)'
_entity_poly.pdbx_seq_one_letter_code
;GPGMETLELQGAKLRYHQVGQGPVLIFIPGANGTGDIFLPLAEQLKDHFTVVAVDRRDYGESELTEPLPDSASNPDSDYR
VKRDAQDIAELAKSLSDEPVYILGSSSGSIVAMHVLKDYPEVVKKIAFHEPPINTFLPDSTYWKDKNDDIVHQILTEGLE
KGMKTFGETLNIAPIDAKMMSQPADTEEGRIEQYKRTMFWLEFEIRQYTHSNITLDDFTKYSDKITLLNGTDSRGSFPQD
VNFYINKETGIPIVDIPGGHLGYIQKPEGFADVLLNMWG
;
_entity_poly.pdbx_strand_id   A
#
loop_
_chem_comp.id
_chem_comp.type
_chem_comp.name
_chem_comp.formula
YKF non-polymer 'methyl 2-formyl-2-[3-methyl-4-(3-phenoxybenzamido)phenyl]hydrazine-1-carboxylate' 'C23 H21 N3 O5'
#
# COMPACT_ATOMS: atom_id res chain seq x y z
N MET A 4 12.98 -23.54 -3.66
CA MET A 4 11.74 -23.38 -4.46
C MET A 4 12.17 -23.32 -5.91
N GLU A 5 11.28 -23.72 -6.81
CA GLU A 5 11.49 -23.61 -8.24
C GLU A 5 11.01 -22.26 -8.71
N THR A 6 11.48 -21.84 -9.89
CA THR A 6 11.09 -20.54 -10.45
C THR A 6 10.71 -20.67 -11.92
N LEU A 7 9.61 -20.02 -12.28
CA LEU A 7 9.22 -19.84 -13.68
C LEU A 7 9.14 -18.35 -13.97
N GLU A 8 9.97 -17.86 -14.90
CA GLU A 8 9.94 -16.44 -15.25
C GLU A 8 8.81 -16.19 -16.24
N LEU A 9 7.91 -15.29 -15.89
CA LEU A 9 6.79 -14.92 -16.72
C LEU A 9 6.80 -13.42 -16.95
N GLN A 10 5.88 -12.94 -17.78
CA GLN A 10 5.80 -11.51 -18.02
C GLN A 10 5.48 -10.80 -16.73
N GLY A 11 6.40 -9.96 -16.28
CA GLY A 11 6.17 -9.10 -15.12
C GLY A 11 6.44 -9.71 -13.76
N ALA A 12 6.82 -10.99 -13.69
CA ALA A 12 7.10 -11.58 -12.39
C ALA A 12 7.97 -12.83 -12.51
N LYS A 13 8.66 -13.15 -11.42
CA LYS A 13 9.24 -14.48 -11.24
C LYS A 13 8.32 -15.25 -10.31
N LEU A 14 7.75 -16.33 -10.82
CA LEU A 14 6.78 -17.15 -10.11
C LEU A 14 7.52 -18.28 -9.40
N ARG A 15 7.47 -18.29 -8.09
CA ARG A 15 8.11 -19.32 -7.30
C ARG A 15 7.08 -20.36 -6.83
N TYR A 16 7.51 -21.63 -6.77
CA TYR A 16 6.62 -22.69 -6.36
C TYR A 16 7.40 -23.82 -5.70
N HIS A 17 6.72 -24.53 -4.81
CA HIS A 17 7.20 -25.80 -4.28
C HIS A 17 6.79 -26.94 -5.19
N GLN A 18 7.64 -27.97 -5.28
CA GLN A 18 7.33 -29.13 -6.10
C GLN A 18 7.84 -30.37 -5.42
N VAL A 19 6.94 -31.34 -5.20
CA VAL A 19 7.34 -32.63 -4.65
C VAL A 19 6.42 -33.71 -5.22
N GLY A 20 6.98 -34.90 -5.40
CA GLY A 20 6.16 -36.03 -5.76
C GLY A 20 6.40 -36.51 -7.18
N GLN A 21 5.58 -37.48 -7.56
CA GLN A 21 5.66 -38.14 -8.85
C GLN A 21 4.24 -38.45 -9.29
N GLY A 22 4.03 -38.41 -10.60
CA GLY A 22 2.75 -38.69 -11.19
C GLY A 22 2.18 -37.46 -11.86
N PRO A 23 0.89 -37.48 -12.19
CA PRO A 23 0.28 -36.30 -12.80
C PRO A 23 0.44 -35.05 -11.94
N VAL A 24 0.48 -33.91 -12.61
CA VAL A 24 0.68 -32.64 -11.94
C VAL A 24 -0.61 -32.22 -11.25
N LEU A 25 -0.49 -31.80 -9.98
CA LEU A 25 -1.59 -31.24 -9.20
C LEU A 25 -1.12 -29.89 -8.66
N ILE A 26 -1.74 -28.79 -9.13
CA ILE A 26 -1.36 -27.43 -8.74
C ILE A 26 -2.34 -26.96 -7.66
N PHE A 27 -1.78 -26.54 -6.53
CA PHE A 27 -2.52 -25.90 -5.46
C PHE A 27 -2.34 -24.38 -5.53
N ILE A 28 -3.46 -23.67 -5.50
CA ILE A 28 -3.48 -22.22 -5.59
C ILE A 28 -3.94 -21.67 -4.24
N PRO A 29 -3.09 -20.92 -3.54
CA PRO A 29 -3.45 -20.46 -2.19
C PRO A 29 -4.45 -19.34 -2.18
N GLY A 30 -5.13 -19.25 -1.04
CA GLY A 30 -6.05 -18.17 -0.80
C GLY A 30 -5.37 -16.92 -0.27
N ALA A 31 -5.99 -16.27 0.71
CA ALA A 31 -5.59 -14.91 1.09
C ALA A 31 -4.17 -14.84 1.60
N ASN A 32 -3.65 -15.93 2.17
CA ASN A 32 -2.26 -15.90 2.63
C ASN A 32 -1.29 -15.78 1.47
N GLY A 33 -1.69 -16.25 0.28
CA GLY A 33 -0.93 -16.03 -0.92
C GLY A 33 0.21 -16.97 -1.19
N THR A 34 0.54 -17.87 -0.26
CA THR A 34 1.74 -18.67 -0.38
C THR A 34 1.47 -20.17 -0.29
N GLY A 35 2.32 -20.92 -0.98
CA GLY A 35 2.10 -22.33 -1.16
C GLY A 35 2.57 -23.17 -0.02
N ASP A 36 3.35 -22.60 0.89
CA ASP A 36 3.89 -23.38 2.01
C ASP A 36 2.77 -23.99 2.85
N ILE A 37 1.58 -23.38 2.83
CA ILE A 37 0.46 -23.90 3.61
C ILE A 37 -0.01 -25.26 3.12
N PHE A 38 0.35 -25.65 1.89
CA PHE A 38 -0.06 -26.93 1.33
C PHE A 38 0.99 -28.02 1.50
N LEU A 39 2.11 -27.76 2.16
CA LEU A 39 3.20 -28.74 2.15
C LEU A 39 2.85 -29.99 2.96
N PRO A 40 2.21 -29.86 4.12
CA PRO A 40 1.80 -31.10 4.82
C PRO A 40 0.85 -31.96 3.97
N LEU A 41 -0.07 -31.33 3.24
CA LEU A 41 -0.93 -32.06 2.32
C LEU A 41 -0.10 -32.69 1.21
N ALA A 42 0.85 -31.94 0.65
CA ALA A 42 1.67 -32.49 -0.44
C ALA A 42 2.38 -33.76 0.00
N GLU A 43 2.78 -33.83 1.26
CA GLU A 43 3.49 -35.01 1.73
C GLU A 43 2.59 -36.24 1.78
N GLN A 44 1.28 -36.01 1.95
CA GLN A 44 0.32 -37.12 1.90
C GLN A 44 0.07 -37.58 0.46
N LEU A 45 0.22 -36.67 -0.51
CA LEU A 45 -0.17 -36.94 -1.91
C LEU A 45 1.00 -37.26 -2.83
N LYS A 46 2.25 -37.10 -2.39
CA LYS A 46 3.42 -37.16 -3.30
C LYS A 46 3.68 -38.52 -3.96
N ASP A 47 3.04 -39.61 -3.55
CA ASP A 47 3.25 -40.91 -4.25
C ASP A 47 2.25 -41.06 -5.40
N HIS A 48 1.29 -40.16 -5.51
CA HIS A 48 0.23 -40.26 -6.54
C HIS A 48 0.28 -39.07 -7.50
N PHE A 49 0.77 -37.93 -7.03
CA PHE A 49 0.81 -36.70 -7.87
C PHE A 49 2.13 -35.94 -7.75
N THR A 50 2.50 -35.25 -8.83
CA THR A 50 3.62 -34.30 -8.79
C THR A 50 2.94 -33.03 -8.25
N VAL A 51 3.09 -32.76 -6.96
CA VAL A 51 2.37 -31.66 -6.32
C VAL A 51 3.13 -30.37 -6.49
N VAL A 52 2.43 -29.32 -6.89
CA VAL A 52 3.01 -28.01 -7.17
C VAL A 52 2.21 -27.00 -6.36
N ALA A 53 2.84 -26.35 -5.39
CA ALA A 53 2.21 -25.36 -4.51
C ALA A 53 2.81 -24.03 -4.94
N VAL A 54 1.97 -23.09 -5.37
N VAL A 54 1.97 -23.08 -5.37
CA VAL A 54 2.50 -21.81 -5.92
CA VAL A 54 2.51 -21.82 -5.92
C VAL A 54 2.38 -20.63 -4.97
C VAL A 54 2.38 -20.62 -4.98
N ASP A 55 3.40 -19.75 -4.99
CA ASP A 55 3.28 -18.51 -4.19
C ASP A 55 2.74 -17.56 -5.25
N ARG A 56 1.53 -17.03 -5.12
CA ARG A 56 0.98 -16.17 -6.21
C ARG A 56 1.99 -15.03 -6.40
N ARG A 57 2.05 -14.42 -7.59
CA ARG A 57 3.16 -13.48 -7.94
C ARG A 57 3.36 -12.29 -7.00
N ASP A 58 2.33 -11.83 -6.31
CA ASP A 58 2.45 -10.66 -5.41
C ASP A 58 2.80 -11.08 -3.98
N TYR A 59 3.08 -12.36 -3.73
CA TYR A 59 3.23 -12.83 -2.36
C TYR A 59 4.46 -13.73 -2.19
N GLY A 60 4.91 -13.84 -0.96
CA GLY A 60 5.90 -14.85 -0.62
C GLY A 60 7.22 -14.66 -1.35
N GLU A 61 7.74 -15.76 -1.86
CA GLU A 61 9.03 -15.73 -2.55
C GLU A 61 8.92 -15.36 -4.03
N SER A 62 7.71 -15.29 -4.59
CA SER A 62 7.54 -14.71 -5.90
C SER A 62 7.84 -13.23 -5.84
N GLU A 63 8.16 -12.65 -6.98
CA GLU A 63 8.44 -11.21 -6.97
C GLU A 63 8.04 -10.62 -8.31
N LEU A 64 7.57 -9.38 -8.26
CA LEU A 64 7.27 -8.64 -9.47
C LEU A 64 8.56 -8.11 -10.09
N THR A 65 8.61 -8.10 -11.42
CA THR A 65 9.74 -7.51 -12.16
C THR A 65 9.33 -6.23 -12.89
N GLU A 66 8.06 -5.85 -12.79
CA GLU A 66 7.53 -4.59 -13.27
C GLU A 66 6.55 -4.11 -12.21
N PRO A 67 6.41 -2.80 -12.03
CA PRO A 67 5.44 -2.29 -11.05
C PRO A 67 4.03 -2.71 -11.44
N LEU A 68 3.20 -2.92 -10.42
CA LEU A 68 1.77 -3.12 -10.69
C LEU A 68 1.19 -1.88 -11.33
N PRO A 69 0.33 -2.01 -12.33
CA PRO A 69 -0.33 -0.84 -12.89
C PRO A 69 -1.03 -0.02 -11.81
N ASP A 70 -1.00 1.29 -12.00
CA ASP A 70 -1.56 2.21 -11.01
C ASP A 70 -3.05 1.94 -10.79
N SER A 71 -3.74 1.53 -11.84
CA SER A 71 -5.18 1.31 -11.79
C SER A 71 -5.58 0.06 -11.03
N ALA A 72 -4.63 -0.78 -10.60
CA ALA A 72 -4.97 -2.07 -10.00
C ALA A 72 -5.67 -1.88 -8.66
N SER A 73 -5.50 -0.71 -8.03
CA SER A 73 -6.23 -0.40 -6.80
C SER A 73 -7.71 -0.16 -7.05
N ASN A 74 -8.12 0.02 -8.29
CA ASN A 74 -9.51 0.22 -8.60
C ASN A 74 -10.26 -1.07 -8.32
N PRO A 75 -11.38 -1.05 -7.57
CA PRO A 75 -12.07 -2.31 -7.27
C PRO A 75 -12.66 -3.03 -8.47
N ASP A 76 -12.88 -2.37 -9.61
CA ASP A 76 -13.33 -3.12 -10.77
C ASP A 76 -12.20 -3.49 -11.72
N SER A 77 -10.95 -3.33 -11.28
CA SER A 77 -9.82 -3.84 -12.04
C SER A 77 -9.89 -5.36 -12.16
N ASP A 78 -9.53 -5.89 -13.34
CA ASP A 78 -9.41 -7.33 -13.49
C ASP A 78 -8.01 -7.80 -13.84
N TYR A 79 -7.02 -6.92 -13.79
CA TYR A 79 -5.67 -7.30 -14.18
C TYR A 79 -5.15 -8.45 -13.32
N ARG A 80 -5.22 -8.30 -12.00
CA ARG A 80 -4.49 -9.24 -11.14
C ARG A 80 -5.11 -10.64 -11.19
N VAL A 81 -6.44 -10.77 -11.20
CA VAL A 81 -7.01 -12.12 -11.19
C VAL A 81 -6.73 -12.81 -12.53
N LYS A 82 -6.75 -12.05 -13.63
CA LYS A 82 -6.47 -12.67 -14.93
C LYS A 82 -5.00 -13.03 -15.04
N ARG A 83 -4.14 -12.19 -14.50
CA ARG A 83 -2.70 -12.48 -14.54
C ARG A 83 -2.37 -13.67 -13.67
N ASP A 84 -3.03 -13.81 -12.51
CA ASP A 84 -2.85 -14.98 -11.66
C ASP A 84 -3.27 -16.26 -12.41
N ALA A 85 -4.40 -16.20 -13.09
CA ALA A 85 -4.89 -17.36 -13.84
C ALA A 85 -3.95 -17.71 -14.96
N GLN A 86 -3.46 -16.71 -15.68
CA GLN A 86 -2.49 -16.97 -16.75
C GLN A 86 -1.21 -17.59 -16.21
N ASP A 87 -0.78 -17.15 -15.02
CA ASP A 87 0.38 -17.74 -14.37
C ASP A 87 0.17 -19.24 -14.20
N ILE A 88 -0.98 -19.66 -13.69
CA ILE A 88 -1.24 -21.08 -13.45
C ILE A 88 -1.22 -21.83 -14.79
N ALA A 89 -1.80 -21.23 -15.84
CA ALA A 89 -1.85 -21.91 -17.14
C ALA A 89 -0.46 -22.07 -17.70
N GLU A 90 0.35 -21.02 -17.64
CA GLU A 90 1.72 -21.16 -18.13
C GLU A 90 2.56 -22.10 -17.27
N LEU A 91 2.31 -22.14 -15.96
CA LEU A 91 2.99 -23.13 -15.11
C LEU A 91 2.60 -24.55 -15.51
N ALA A 92 1.31 -24.79 -15.68
CA ALA A 92 0.87 -26.11 -16.11
C ALA A 92 1.53 -26.51 -17.43
N LYS A 93 1.59 -25.60 -18.39
CA LYS A 93 2.19 -25.92 -19.68
C LYS A 93 3.68 -26.21 -19.54
N SER A 94 4.35 -25.57 -18.58
CA SER A 94 5.78 -25.79 -18.47
C SER A 94 6.12 -27.11 -17.81
N LEU A 95 5.19 -27.68 -17.05
CA LEU A 95 5.46 -28.90 -16.28
C LEU A 95 4.83 -30.15 -16.88
N SER A 96 3.87 -30.01 -17.79
CA SER A 96 3.06 -31.12 -18.25
C SER A 96 2.61 -30.93 -19.68
N ASP A 97 2.74 -31.97 -20.49
CA ASP A 97 2.21 -31.95 -21.84
C ASP A 97 0.73 -32.32 -21.89
N GLU A 98 0.15 -32.74 -20.78
CA GLU A 98 -1.26 -33.09 -20.65
C GLU A 98 -1.97 -32.11 -19.72
N PRO A 99 -3.28 -31.99 -19.82
CA PRO A 99 -3.99 -31.18 -18.83
C PRO A 99 -3.75 -31.70 -17.41
N VAL A 100 -3.83 -30.79 -16.43
CA VAL A 100 -3.38 -31.06 -15.07
C VAL A 100 -4.55 -30.97 -14.09
N TYR A 101 -4.29 -31.39 -12.86
CA TYR A 101 -5.26 -31.26 -11.78
C TYR A 101 -4.99 -29.93 -11.06
N ILE A 102 -6.05 -29.24 -10.68
CA ILE A 102 -5.92 -27.95 -10.04
C ILE A 102 -6.89 -27.88 -8.87
N LEU A 103 -6.43 -27.40 -7.72
CA LEU A 103 -7.30 -27.06 -6.59
C LEU A 103 -6.93 -25.68 -6.06
N GLY A 104 -7.94 -24.79 -5.94
CA GLY A 104 -7.75 -23.50 -5.33
C GLY A 104 -8.68 -23.35 -4.14
N SER A 105 -8.23 -22.61 -3.13
CA SER A 105 -9.06 -22.32 -1.96
C SER A 105 -9.21 -20.81 -1.78
N SER A 106 -10.44 -20.39 -1.41
CA SER A 106 -10.70 -18.98 -1.13
C SER A 106 -10.37 -18.14 -2.37
N SER A 107 -9.60 -17.06 -2.25
CA SER A 107 -9.30 -16.30 -3.47
C SER A 107 -8.54 -17.13 -4.48
N GLY A 108 -7.83 -18.18 -4.05
CA GLY A 108 -7.23 -19.11 -4.99
C GLY A 108 -8.25 -19.93 -5.77
N SER A 109 -9.45 -20.19 -5.19
CA SER A 109 -10.48 -20.88 -5.96
C SER A 109 -11.04 -19.93 -7.04
N ILE A 110 -11.00 -18.62 -6.77
CA ILE A 110 -11.42 -17.67 -7.78
C ILE A 110 -10.42 -17.63 -8.92
N VAL A 111 -9.12 -17.59 -8.60
CA VAL A 111 -8.11 -17.79 -9.65
C VAL A 111 -8.42 -19.06 -10.43
N ALA A 112 -8.68 -20.18 -9.74
CA ALA A 112 -8.99 -21.42 -10.44
C ALA A 112 -10.15 -21.27 -11.41
N MET A 113 -11.23 -20.60 -10.97
CA MET A 113 -12.35 -20.30 -11.86
C MET A 113 -11.90 -19.60 -13.13
N HIS A 114 -10.98 -18.63 -13.00
CA HIS A 114 -10.54 -17.91 -14.18
C HIS A 114 -9.61 -18.73 -15.03
N VAL A 115 -8.89 -19.71 -14.45
CA VAL A 115 -8.10 -20.64 -15.27
C VAL A 115 -9.02 -21.46 -16.16
N LEU A 116 -10.08 -21.98 -15.58
CA LEU A 116 -11.03 -22.76 -16.38
C LEU A 116 -11.75 -21.91 -17.41
N LYS A 117 -12.09 -20.66 -17.06
CA LYS A 117 -12.75 -19.79 -18.02
C LYS A 117 -11.85 -19.47 -19.22
N ASP A 118 -10.59 -19.12 -18.98
CA ASP A 118 -9.73 -18.57 -20.01
C ASP A 118 -8.78 -19.61 -20.62
N TYR A 119 -8.45 -20.69 -19.88
CA TYR A 119 -7.49 -21.68 -20.35
C TYR A 119 -8.03 -23.05 -20.03
N PRO A 120 -9.26 -23.37 -20.43
CA PRO A 120 -9.83 -24.68 -20.08
C PRO A 120 -8.97 -25.84 -20.55
N GLU A 121 -8.19 -25.62 -21.62
CA GLU A 121 -7.43 -26.70 -22.23
C GLU A 121 -6.31 -27.21 -21.32
N VAL A 122 -5.92 -26.45 -20.29
CA VAL A 122 -4.91 -26.96 -19.37
C VAL A 122 -5.52 -27.76 -18.23
N VAL A 123 -6.85 -27.87 -18.16
CA VAL A 123 -7.52 -28.40 -16.97
C VAL A 123 -8.03 -29.81 -17.24
N LYS A 124 -7.50 -30.78 -16.47
CA LYS A 124 -8.07 -32.12 -16.50
C LYS A 124 -9.26 -32.23 -15.55
N LYS A 125 -9.02 -31.87 -14.28
CA LYS A 125 -10.06 -31.79 -13.27
C LYS A 125 -9.70 -30.62 -12.37
N ILE A 126 -10.70 -30.01 -11.75
CA ILE A 126 -10.47 -28.80 -10.96
C ILE A 126 -11.42 -28.84 -9.76
N ALA A 127 -10.93 -28.29 -8.65
CA ALA A 127 -11.72 -28.22 -7.43
C ALA A 127 -11.72 -26.80 -6.90
N PHE A 128 -12.91 -26.33 -6.51
CA PHE A 128 -13.09 -25.01 -5.91
C PHE A 128 -13.40 -25.22 -4.42
N HIS A 129 -12.41 -25.00 -3.57
CA HIS A 129 -12.58 -25.16 -2.13
C HIS A 129 -12.98 -23.80 -1.55
N GLU A 130 -14.21 -23.73 -1.02
CA GLU A 130 -14.73 -22.58 -0.30
C GLU A 130 -14.45 -21.27 -1.03
N PRO A 131 -15.13 -21.07 -2.16
CA PRO A 131 -14.99 -19.83 -2.92
C PRO A 131 -15.82 -18.71 -2.32
N PRO A 132 -15.27 -17.48 -2.28
CA PRO A 132 -16.03 -16.33 -1.76
C PRO A 132 -16.53 -15.37 -2.80
N ILE A 133 -16.55 -15.82 -4.06
CA ILE A 133 -16.99 -14.97 -5.16
C ILE A 133 -18.49 -14.74 -5.04
N ASN A 134 -18.95 -13.52 -5.40
CA ASN A 134 -20.36 -13.20 -5.31
C ASN A 134 -21.01 -12.80 -6.61
N THR A 135 -20.25 -12.68 -7.70
CA THR A 135 -20.74 -11.92 -8.86
C THR A 135 -22.03 -12.50 -9.41
N PHE A 136 -22.13 -13.83 -9.40
CA PHE A 136 -23.26 -14.52 -10.00
C PHE A 136 -24.37 -14.84 -9.00
N LEU A 137 -24.21 -14.46 -7.73
CA LEU A 137 -25.20 -14.78 -6.70
C LEU A 137 -26.45 -13.93 -6.86
N PRO A 138 -27.62 -14.44 -6.44
CA PRO A 138 -28.81 -13.59 -6.43
C PRO A 138 -28.65 -12.37 -5.53
N ASP A 139 -27.90 -12.51 -4.44
CA ASP A 139 -27.66 -11.45 -3.48
C ASP A 139 -26.26 -10.88 -3.64
N SER A 140 -25.75 -10.89 -4.88
CA SER A 140 -24.42 -10.36 -5.17
C SER A 140 -24.24 -8.96 -4.61
N THR A 141 -25.16 -8.06 -4.94
CA THR A 141 -24.99 -6.67 -4.54
C THR A 141 -24.89 -6.52 -3.03
N TYR A 142 -25.62 -7.35 -2.28
CA TYR A 142 -25.53 -7.27 -0.83
C TYR A 142 -24.11 -7.54 -0.35
N TRP A 143 -23.52 -8.65 -0.82
CA TRP A 143 -22.18 -9.01 -0.36
C TRP A 143 -21.12 -8.10 -0.95
N LYS A 144 -21.32 -7.62 -2.17
CA LYS A 144 -20.36 -6.69 -2.74
C LYS A 144 -20.32 -5.40 -1.92
N ASP A 145 -21.50 -4.87 -1.60
CA ASP A 145 -21.57 -3.64 -0.82
C ASP A 145 -20.98 -3.84 0.57
N LYS A 146 -21.17 -5.02 1.18
CA LYS A 146 -20.54 -5.31 2.47
C LYS A 146 -19.02 -5.27 2.34
N ASN A 147 -18.47 -5.89 1.29
CA ASN A 147 -17.03 -5.88 1.09
C ASN A 147 -16.53 -4.45 0.90
N ASP A 148 -17.24 -3.67 0.08
CA ASP A 148 -16.83 -2.29 -0.17
C ASP A 148 -16.81 -1.49 1.13
N ASP A 149 -17.86 -1.64 1.95
CA ASP A 149 -17.95 -0.93 3.21
C ASP A 149 -16.80 -1.28 4.14
N ILE A 150 -16.52 -2.58 4.31
CA ILE A 150 -15.51 -2.97 5.29
C ILE A 150 -14.12 -2.53 4.85
N VAL A 151 -13.81 -2.68 3.56
CA VAL A 151 -12.51 -2.21 3.08
C VAL A 151 -12.39 -0.71 3.31
N HIS A 152 -13.45 0.03 3.01
CA HIS A 152 -13.38 1.48 3.21
C HIS A 152 -13.16 1.84 4.67
N GLN A 153 -13.86 1.14 5.57
CA GLN A 153 -13.71 1.37 6.99
C GLN A 153 -12.28 1.11 7.44
N ILE A 154 -11.70 -0.01 7.03
CA ILE A 154 -10.38 -0.35 7.50
C ILE A 154 -9.35 0.67 7.02
N LEU A 155 -9.41 1.00 5.73
CA LEU A 155 -8.39 1.84 5.13
C LEU A 155 -8.42 3.27 5.65
N THR A 156 -9.58 3.79 6.05
CA THR A 156 -9.72 5.23 6.30
C THR A 156 -9.83 5.63 7.77
N GLU A 157 -10.57 4.89 8.61
CA GLU A 157 -10.90 5.47 9.92
C GLU A 157 -9.68 5.53 10.84
N GLY A 158 -8.81 4.52 10.83
CA GLY A 158 -7.61 4.60 11.63
C GLY A 158 -6.75 5.81 11.28
N LEU A 159 -6.69 6.15 10.00
CA LEU A 159 -5.89 7.28 9.54
C LEU A 159 -6.46 8.60 10.02
N GLU A 160 -7.77 8.76 9.95
CA GLU A 160 -8.37 10.04 10.33
C GLU A 160 -8.25 10.27 11.83
N LYS A 161 -8.42 9.23 12.63
CA LYS A 161 -8.23 9.36 14.08
C LYS A 161 -6.77 9.64 14.41
N GLY A 162 -5.85 8.98 13.71
CA GLY A 162 -4.41 9.13 13.97
C GLY A 162 -3.94 10.54 13.73
N MET A 163 -4.47 11.22 12.72
CA MET A 163 -4.00 12.59 12.38
C MET A 163 -4.50 13.51 13.48
N LYS A 164 -5.67 13.25 14.07
CA LYS A 164 -6.12 14.00 15.24
C LYS A 164 -5.16 13.79 16.41
N THR A 165 -4.79 12.56 16.71
CA THR A 165 -3.86 12.27 17.83
C THR A 165 -2.55 13.02 17.60
N PHE A 166 -1.99 12.96 16.39
CA PHE A 166 -0.76 13.66 16.03
C PHE A 166 -0.93 15.15 16.34
N GLY A 167 -2.04 15.72 15.92
CA GLY A 167 -2.33 17.14 16.14
C GLY A 167 -2.22 17.51 17.60
N GLU A 168 -2.81 16.71 18.49
CA GLU A 168 -2.78 17.00 19.93
C GLU A 168 -1.37 16.82 20.50
N THR A 169 -0.64 15.79 20.05
CA THR A 169 0.73 15.63 20.54
C THR A 169 1.59 16.82 20.15
N LEU A 170 1.40 17.31 18.93
CA LEU A 170 2.13 18.45 18.40
C LEU A 170 1.54 19.79 18.83
N ASN A 171 0.33 19.78 19.38
CA ASN A 171 -0.33 21.02 19.82
C ASN A 171 -0.54 21.95 18.63
N ILE A 172 -0.98 21.35 17.51
CA ILE A 172 -1.29 22.10 16.30
C ILE A 172 -2.50 23.00 16.56
N ALA A 173 -2.44 24.23 16.03
CA ALA A 173 -3.50 25.19 16.27
C ALA A 173 -4.78 24.85 15.49
N PRO A 174 -5.95 25.15 16.07
CA PRO A 174 -7.22 24.81 15.40
C PRO A 174 -7.32 25.34 13.98
N ILE A 175 -6.86 26.56 13.73
CA ILE A 175 -6.97 27.15 12.39
C ILE A 175 -6.17 26.35 11.38
N ASP A 176 -5.06 25.75 11.82
CA ASP A 176 -4.31 24.86 10.95
C ASP A 176 -4.99 23.50 10.82
N ALA A 177 -5.43 22.92 11.93
CA ALA A 177 -6.01 21.57 11.89
C ALA A 177 -7.25 21.54 11.01
N LYS A 178 -8.07 22.59 11.04
CA LYS A 178 -9.26 22.63 10.19
C LYS A 178 -8.86 22.59 8.72
N MET A 179 -7.82 23.32 8.35
CA MET A 179 -7.36 23.32 6.96
C MET A 179 -6.70 22.01 6.58
N MET A 180 -5.92 21.42 7.47
CA MET A 180 -5.21 20.21 7.06
C MET A 180 -6.15 19.02 6.88
N SER A 181 -7.33 19.07 7.49
CA SER A 181 -8.27 17.96 7.48
C SER A 181 -9.41 18.16 6.49
N GLN A 182 -9.48 19.30 5.82
CA GLN A 182 -10.56 19.54 4.86
C GLN A 182 -10.44 18.60 3.67
N PRO A 183 -11.54 17.99 3.22
CA PRO A 183 -11.49 17.09 2.06
C PRO A 183 -11.18 17.83 0.77
N ALA A 184 -10.50 17.11 -0.13
CA ALA A 184 -10.33 17.58 -1.50
C ALA A 184 -11.70 17.73 -2.17
N ASP A 185 -11.70 18.43 -3.32
N ASP A 185 -11.70 18.44 -3.31
CA ASP A 185 -12.93 18.82 -3.98
CA ASP A 185 -12.95 18.83 -3.98
C ASP A 185 -13.33 17.89 -5.14
C ASP A 185 -13.30 17.92 -5.15
N THR A 186 -12.63 16.77 -5.30
CA THR A 186 -12.94 15.82 -6.36
C THR A 186 -12.75 14.40 -5.82
N GLU A 187 -13.52 13.44 -6.36
CA GLU A 187 -13.31 12.05 -5.98
C GLU A 187 -11.84 11.64 -6.22
N GLU A 188 -11.26 12.09 -7.33
N GLU A 188 -11.26 12.09 -7.33
CA GLU A 188 -9.86 11.76 -7.61
CA GLU A 188 -9.86 11.76 -7.61
C GLU A 188 -8.96 12.35 -6.54
C GLU A 188 -8.95 12.36 -6.54
N GLY A 189 -9.18 13.62 -6.20
CA GLY A 189 -8.38 14.27 -5.19
C GLY A 189 -8.55 13.67 -3.81
N ARG A 190 -9.76 13.18 -3.50
CA ARG A 190 -9.96 12.58 -2.19
C ARG A 190 -9.22 11.27 -2.08
N ILE A 191 -9.20 10.50 -3.18
CA ILE A 191 -8.40 9.30 -3.23
C ILE A 191 -6.92 9.65 -3.08
N GLU A 192 -6.46 10.63 -3.86
CA GLU A 192 -5.05 11.04 -3.75
C GLU A 192 -4.74 11.52 -2.32
N GLN A 193 -5.64 12.29 -1.74
CA GLN A 193 -5.45 12.78 -0.38
C GLN A 193 -5.17 11.64 0.57
N TYR A 194 -6.01 10.62 0.55
CA TYR A 194 -5.81 9.46 1.39
C TYR A 194 -4.48 8.81 1.09
N LYS A 195 -4.17 8.58 -0.18
CA LYS A 195 -2.91 7.91 -0.58
C LYS A 195 -1.73 8.75 -0.07
N ARG A 196 -1.82 10.07 -0.23
CA ARG A 196 -0.76 10.99 0.21
C ARG A 196 -0.44 10.81 1.68
N THR A 197 -1.49 10.78 2.48
CA THR A 197 -1.32 10.78 3.93
C THR A 197 -0.79 9.44 4.41
N MET A 198 -1.24 8.33 3.81
CA MET A 198 -0.67 7.05 4.20
C MET A 198 0.80 6.96 3.80
N PHE A 199 1.14 7.52 2.63
CA PHE A 199 2.53 7.52 2.21
C PHE A 199 3.37 8.33 3.19
N TRP A 200 2.88 9.52 3.53
CA TRP A 200 3.62 10.36 4.44
C TRP A 200 3.86 9.68 5.78
N LEU A 201 2.87 8.95 6.29
CA LEU A 201 3.04 8.28 7.57
C LEU A 201 4.13 7.23 7.52
N GLU A 202 4.18 6.43 6.44
CA GLU A 202 5.08 5.29 6.38
C GLU A 202 6.46 5.67 5.86
N PHE A 203 6.54 6.63 4.93
CA PHE A 203 7.80 6.95 4.23
C PHE A 203 8.41 8.33 4.53
N GLU A 204 7.77 9.18 5.32
CA GLU A 204 8.32 10.54 5.51
C GLU A 204 8.46 10.95 6.98
N ILE A 205 7.39 10.89 7.76
CA ILE A 205 7.43 11.47 9.14
C ILE A 205 8.62 10.93 9.93
N ARG A 206 8.75 9.62 10.11
CA ARG A 206 9.81 9.08 10.98
C ARG A 206 11.18 9.34 10.37
N GLN A 207 11.29 9.15 9.06
CA GLN A 207 12.59 9.27 8.36
C GLN A 207 13.09 10.71 8.39
N TYR A 208 12.20 11.68 8.20
CA TYR A 208 12.62 13.08 8.13
C TYR A 208 12.84 13.64 9.52
N THR A 209 11.92 13.33 10.45
CA THR A 209 12.07 13.97 11.75
C THR A 209 13.25 13.43 12.55
N HIS A 210 13.79 12.24 12.23
CA HIS A 210 14.99 11.76 12.89
C HIS A 210 16.18 11.66 11.92
N SER A 211 16.20 12.54 10.90
CA SER A 211 17.27 12.48 9.91
C SER A 211 18.52 13.15 10.46
N ASN A 212 19.64 12.96 9.75
CA ASN A 212 20.93 13.34 10.31
C ASN A 212 21.26 14.80 10.05
N ILE A 213 20.74 15.65 10.93
CA ILE A 213 21.09 17.07 11.01
C ILE A 213 21.61 17.35 12.41
N THR A 214 22.76 18.04 12.52
CA THR A 214 23.29 18.44 13.80
C THR A 214 23.34 19.95 13.90
N LEU A 215 23.49 20.46 15.11
CA LEU A 215 23.61 21.91 15.28
C LEU A 215 24.84 22.44 14.56
N ASP A 216 25.91 21.63 14.48
CA ASP A 216 27.12 22.04 13.77
C ASP A 216 26.84 22.30 12.30
N ASP A 217 25.86 21.60 11.72
CA ASP A 217 25.48 21.88 10.34
C ASP A 217 24.95 23.29 10.20
N PHE A 218 24.32 23.82 11.25
CA PHE A 218 23.80 25.18 11.23
C PHE A 218 24.90 26.21 11.51
N THR A 219 25.78 25.93 12.47
CA THR A 219 26.74 26.95 12.85
C THR A 219 27.69 27.29 11.70
N LYS A 220 27.97 26.32 10.82
CA LYS A 220 28.89 26.59 9.71
C LYS A 220 28.39 27.70 8.81
N TYR A 221 27.07 27.83 8.67
CA TYR A 221 26.47 28.79 7.75
C TYR A 221 25.46 29.68 8.46
N SER A 222 25.72 30.00 9.74
CA SER A 222 24.70 30.64 10.55
C SER A 222 24.25 31.97 9.96
N ASP A 223 25.15 32.68 9.28
CA ASP A 223 24.79 33.96 8.69
C ASP A 223 23.70 33.85 7.61
N LYS A 224 23.51 32.68 7.02
CA LYS A 224 22.52 32.50 5.96
C LYS A 224 21.10 32.21 6.45
N ILE A 225 20.92 31.87 7.74
CA ILE A 225 19.72 31.21 8.21
C ILE A 225 18.80 32.15 8.96
N THR A 226 17.49 32.02 8.69
CA THR A 226 16.43 32.57 9.54
C THR A 226 15.50 31.46 10.00
N LEU A 227 15.11 31.48 11.26
CA LEU A 227 14.10 30.58 11.79
C LEU A 227 12.76 31.31 11.89
N LEU A 228 11.68 30.70 11.42
CA LEU A 228 10.37 31.35 11.36
C LEU A 228 9.38 30.62 12.24
N ASN A 229 8.73 31.38 13.13
CA ASN A 229 7.63 30.90 13.97
C ASN A 229 6.36 31.67 13.65
N GLY A 230 5.25 30.96 13.45
CA GLY A 230 3.95 31.59 13.17
C GLY A 230 3.41 32.30 14.40
N THR A 231 2.79 33.45 14.22
CA THR A 231 2.23 34.25 15.33
C THR A 231 1.01 33.53 15.88
N ASP A 232 0.30 32.78 15.05
CA ASP A 232 -0.97 32.12 15.44
C ASP A 232 -0.76 30.62 15.75
N SER A 233 0.47 30.15 15.87
CA SER A 233 0.72 28.75 16.18
C SER A 233 1.58 28.60 17.45
N ARG A 234 1.49 29.57 18.36
CA ARG A 234 2.26 29.47 19.60
C ARG A 234 1.89 28.24 20.38
N GLY A 235 2.88 27.69 21.06
CA GLY A 235 2.71 26.49 21.87
C GLY A 235 2.81 25.19 21.12
N SER A 236 3.00 25.22 19.80
CA SER A 236 3.15 24.00 19.03
C SER A 236 4.60 23.53 19.03
N PHE A 237 4.75 22.21 18.79
CA PHE A 237 6.07 21.58 18.91
C PHE A 237 7.13 22.25 18.06
N PRO A 238 6.89 22.55 16.78
CA PRO A 238 7.96 23.09 15.94
C PRO A 238 8.54 24.39 16.47
N GLN A 239 7.73 25.18 17.18
CA GLN A 239 8.28 26.41 17.74
C GLN A 239 9.30 26.11 18.82
N ASP A 240 9.10 25.02 19.57
CA ASP A 240 10.09 24.62 20.57
C ASP A 240 11.39 24.15 19.93
N VAL A 241 11.31 23.51 18.77
CA VAL A 241 12.50 23.18 18.00
C VAL A 241 13.26 24.44 17.66
N ASN A 242 12.56 25.46 17.13
CA ASN A 242 13.25 26.69 16.75
C ASN A 242 13.85 27.40 17.98
N PHE A 243 13.14 27.39 19.11
CA PHE A 243 13.71 27.96 20.32
C PHE A 243 15.01 27.27 20.70
N TYR A 244 15.06 25.94 20.56
CA TYR A 244 16.29 25.25 20.89
C TYR A 244 17.40 25.61 19.92
N ILE A 245 17.11 25.65 18.62
CA ILE A 245 18.16 26.00 17.67
C ILE A 245 18.72 27.37 18.02
N ASN A 246 17.83 28.33 18.30
CA ASN A 246 18.28 29.69 18.61
C ASN A 246 19.13 29.72 19.89
N LYS A 247 18.68 28.98 20.92
CA LYS A 247 19.44 28.88 22.16
C LYS A 247 20.87 28.45 21.91
N GLU A 248 21.08 27.50 20.99
CA GLU A 248 22.39 26.91 20.84
C GLU A 248 23.25 27.54 19.76
N THR A 249 22.66 28.33 18.86
CA THR A 249 23.39 28.93 17.76
C THR A 249 23.31 30.45 17.68
N GLY A 250 22.32 31.07 18.30
CA GLY A 250 22.13 32.49 18.13
C GLY A 250 21.46 32.89 16.84
N ILE A 251 21.14 31.92 15.98
CA ILE A 251 20.40 32.21 14.74
C ILE A 251 19.06 32.84 15.10
N PRO A 252 18.69 33.97 14.48
CA PRO A 252 17.49 34.69 14.91
C PRO A 252 16.20 33.96 14.60
N ILE A 253 15.23 34.11 15.51
CA ILE A 253 13.86 33.68 15.28
C ILE A 253 13.06 34.90 14.86
N VAL A 254 12.34 34.77 13.75
CA VAL A 254 11.49 35.84 13.23
C VAL A 254 10.05 35.36 13.31
N ASP A 255 9.21 36.17 13.95
CA ASP A 255 7.77 35.90 14.01
C ASP A 255 7.12 36.33 12.71
N ILE A 256 6.18 35.52 12.22
CA ILE A 256 5.60 35.76 10.90
C ILE A 256 4.14 35.36 10.93
N PRO A 257 3.29 36.09 10.20
CA PRO A 257 1.86 35.94 10.46
C PRO A 257 1.28 34.58 10.15
N GLY A 258 0.15 34.32 10.80
CA GLY A 258 -0.53 33.05 10.58
C GLY A 258 -0.01 31.95 11.47
N GLY A 259 -0.53 30.76 11.24
CA GLY A 259 -0.14 29.57 11.96
C GLY A 259 0.85 28.76 11.16
N HIS A 260 0.78 27.43 11.34
CA HIS A 260 1.67 26.57 10.61
C HIS A 260 1.50 26.72 9.10
N LEU A 261 0.28 27.07 8.66
CA LEU A 261 -0.03 27.33 7.25
C LEU A 261 -0.12 28.83 6.98
N GLY A 262 0.66 29.65 7.69
CA GLY A 262 0.47 31.09 7.60
C GLY A 262 0.75 31.69 6.24
N TYR A 263 1.53 31.02 5.40
CA TYR A 263 1.81 31.51 4.06
C TYR A 263 0.58 31.51 3.15
N ILE A 264 -0.44 30.72 3.46
CA ILE A 264 -1.69 30.77 2.72
C ILE A 264 -2.83 31.41 3.53
N GLN A 265 -2.76 31.38 4.87
CA GLN A 265 -3.74 32.04 5.71
C GLN A 265 -3.61 33.55 5.64
N LYS A 266 -2.37 34.06 5.63
CA LYS A 266 -2.11 35.50 5.68
C LYS A 266 -0.99 35.86 4.72
N PRO A 267 -1.22 35.66 3.43
CA PRO A 267 -0.10 35.80 2.48
C PRO A 267 0.52 37.19 2.46
N GLU A 268 -0.27 38.25 2.58
CA GLU A 268 0.30 39.59 2.53
C GLU A 268 1.28 39.81 3.68
N GLY A 269 0.89 39.40 4.89
CA GLY A 269 1.76 39.58 6.03
C GLY A 269 2.99 38.69 5.97
N PHE A 270 2.80 37.43 5.56
CA PHE A 270 3.94 36.55 5.38
C PHE A 270 4.92 37.11 4.36
N ALA A 271 4.39 37.61 3.23
CA ALA A 271 5.27 38.17 2.21
C ALA A 271 6.04 39.38 2.73
N ASP A 272 5.34 40.28 3.43
CA ASP A 272 6.01 41.50 3.84
C ASP A 272 7.13 41.22 4.85
N VAL A 273 6.99 40.21 5.70
CA VAL A 273 8.10 39.86 6.58
C VAL A 273 9.28 39.30 5.79
N LEU A 274 9.00 38.45 4.81
CA LEU A 274 10.08 37.94 3.96
C LEU A 274 10.77 39.06 3.20
N LEU A 275 10.00 40.05 2.75
CA LEU A 275 10.59 41.15 2.00
C LEU A 275 11.48 41.99 2.90
N ASN A 276 11.10 42.18 4.16
CA ASN A 276 11.99 42.91 5.04
C ASN A 276 13.23 42.11 5.38
N MET A 277 13.08 40.79 5.44
CA MET A 277 14.20 39.93 5.70
C MET A 277 15.21 39.95 4.56
N TRP A 278 14.70 39.81 3.34
CA TRP A 278 15.48 39.45 2.17
C TRP A 278 15.31 40.38 0.98
N GLY A 279 14.35 41.31 1.02
CA GLY A 279 14.02 42.08 -0.16
C GLY A 279 14.84 43.35 -0.24
C1 YKF B . -13.52 -17.68 4.55
C10 YKF B . -6.80 -12.00 5.35
C11 YKF B . -5.72 -11.89 4.49
C12 YKF B . -4.58 -12.61 4.70
C13 YKF B . -4.54 -13.53 5.73
C14 YKF B . -3.66 -15.69 6.17
C15 YKF B . -2.69 -16.45 6.77
C16 YKF B . -2.90 -17.81 6.97
C17 YKF B . -4.04 -18.41 6.47
C18 YKF B . -4.98 -17.66 5.83
C19 YKF B . -4.79 -16.30 5.64
C2 YKF B . -13.07 -16.27 2.71
C20 YKF B . -5.58 -13.61 6.63
C21 YKF B . -10.55 -13.38 5.04
C22 YKF B . -11.28 -12.12 5.41
C23 YKF B . -10.92 -14.08 3.93
C3 YKF B . -9.88 -16.69 1.64
C4 YKF B . -10.30 -15.28 3.59
C5 YKF B . -9.20 -15.70 4.32
C6 YKF B . -8.80 -15.00 5.41
C7 YKF B . -9.49 -13.86 5.80
C8 YKF B . -7.81 -13.04 7.45
C9 YKF B . -6.72 -12.84 6.45
N1 YKF B . -12.03 -15.74 1.99
N2 YKF B . -10.72 -15.95 2.43
N3 YKF B . -9.05 -13.12 6.95
O1 YKF B . -12.56 -17.06 3.67
O2 YKF B . -14.24 -16.05 2.54
O3 YKF B . -8.71 -16.97 1.84
O4 YKF B . -7.60 -12.73 8.64
O5 YKF B . -3.41 -14.31 5.98
H3 YKF B . -13.07 -18.23 5.20
H2 YKF B . -14.14 -18.23 4.03
H1 YKF B . -14.03 -16.99 5.02
H9 YKF B . -7.60 -11.52 5.18
H10 YKF B . -5.77 -11.30 3.75
H11 YKF B . -3.82 -12.49 4.14
H12 YKF B . -1.88 -16.06 7.07
H13 YKF B . -2.26 -18.32 7.42
H14 YKF B . -4.16 -19.34 6.59
H15 YKF B . -5.76 -18.07 5.50
H16 YKF B . -5.42 -15.79 5.15
H17 YKF B . -5.52 -14.18 7.38
H19 YKF B . -10.67 -11.49 5.82
H20 YKF B . -11.99 -12.33 6.04
H18 YKF B . -11.67 -11.72 4.61
H21 YKF B . -11.61 -13.75 3.38
H6 YKF B . -8.73 -16.49 4.05
H7 YKF B . -8.06 -15.29 5.91
H4 YKF B . -12.18 -15.28 1.28
H8 YKF B . -9.68 -12.67 7.36
#